data_6P8C
#
_entry.id   6P8C
#
_cell.length_a   56.921
_cell.length_b   89.597
_cell.length_c   107.013
_cell.angle_alpha   90.000
_cell.angle_beta   90.000
_cell.angle_gamma   90.000
#
_symmetry.space_group_name_H-M   'P 21 21 21'
#
loop_
_entity.id
_entity.type
_entity.pdbx_description
1 polymer "2,5-diamino-6-ribosylamino-4(3H)-pyrimidinone 5'-phosphate reductase"
2 non-polymer 'CHLORIDE ION'
3 non-polymer GLYCEROL
4 non-polymer 'MAGNESIUM ION'
5 non-polymer 'NADP NICOTINAMIDE-ADENINE-DINUCLEOTIDE PHOSPHATE'
6 water water
#
_entity_poly.entity_id   1
_entity_poly.type   'polypeptide(L)'
_entity_poly.pdbx_seq_one_letter_code
;MHHHHHHGKPIPNPLLGLDSTENLYFQGIDPFTMRPYVILNAAMTLDGKIATATGSSEISGEEDLRRVHELRRECDAIMV
GINTVLADDPRLTVHRVDAAPGDNPVRVVVDSMARTPPHFRVLNDEAPTVIGVSESAPPERVAELRKRAEVVVAGTRRVD
LHLLLERLHGMGIERLMLEGGSTLNYSMLTGGLVDEVRVCIAPMIVGGRDARTLVDGEGIDEMADAIRLELKRSYTLGED
LIVEYTVKG
;
_entity_poly.pdbx_strand_id   A,B
#
# COMPACT_ATOMS: atom_id res chain seq x y z
N MET A 34 15.55 20.33 -19.67
CA MET A 34 16.01 18.90 -19.64
C MET A 34 16.25 18.49 -18.19
N ARG A 35 15.70 17.33 -17.80
CA ARG A 35 15.86 16.77 -16.47
C ARG A 35 16.49 15.39 -16.57
N PRO A 36 17.03 14.81 -15.46
CA PRO A 36 17.48 13.43 -15.49
C PRO A 36 16.33 12.45 -15.72
N TYR A 37 16.69 11.25 -16.23
CA TYR A 37 15.83 10.09 -16.20
C TYR A 37 15.67 9.65 -14.74
N VAL A 38 14.43 9.36 -14.31
CA VAL A 38 14.19 9.11 -12.90
C VAL A 38 13.60 7.72 -12.66
N ILE A 39 14.31 6.92 -11.85
CA ILE A 39 13.81 5.65 -11.36
C ILE A 39 13.44 5.82 -9.89
N LEU A 40 12.17 5.55 -9.57
CA LEU A 40 11.71 5.50 -8.19
C LEU A 40 11.92 4.08 -7.69
N ASN A 41 12.68 3.94 -6.59
CA ASN A 41 12.92 2.61 -5.98
C ASN A 41 12.34 2.59 -4.56
N ALA A 42 11.71 1.49 -4.18
CA ALA A 42 11.10 1.38 -2.86
C ALA A 42 11.06 -0.07 -2.39
N ALA A 43 10.83 -0.23 -1.09
CA ALA A 43 10.53 -1.50 -0.47
C ALA A 43 9.28 -1.30 0.38
N MET A 44 8.29 -2.17 0.22
CA MET A 44 7.05 -2.05 0.97
C MET A 44 6.59 -3.44 1.42
N THR A 45 5.74 -3.47 2.44
CA THR A 45 5.03 -4.68 2.85
C THR A 45 3.95 -4.95 1.81
N LEU A 46 3.36 -6.15 1.85
CA LEU A 46 2.31 -6.52 0.91
C LEU A 46 1.16 -5.51 0.98
N ASP A 47 0.89 -5.00 2.19
CA ASP A 47 -0.21 -4.06 2.38
C ASP A 47 0.23 -2.62 2.07
N GLY A 48 1.41 -2.48 1.45
CA GLY A 48 1.82 -1.22 0.85
C GLY A 48 2.52 -0.25 1.81
N LYS A 49 2.96 -0.73 2.97
CA LYS A 49 3.56 0.15 3.97
C LYS A 49 5.08 0.23 3.78
N ILE A 50 5.62 1.46 3.82
CA ILE A 50 7.07 1.65 3.75
C ILE A 50 7.66 1.93 5.14
N ALA A 51 6.78 2.15 6.12
CA ALA A 51 7.14 2.40 7.51
C ALA A 51 5.87 2.36 8.35
N THR A 52 5.98 1.86 9.58
CA THR A 52 4.87 1.90 10.53
C THR A 52 4.71 3.34 11.03
N ALA A 53 3.64 3.57 11.80
CA ALA A 53 3.40 4.87 12.42
C ALA A 53 4.56 5.26 13.33
N THR A 54 5.24 4.26 13.91
CA THR A 54 6.33 4.55 14.83
C THR A 54 7.66 4.71 14.09
N GLY A 55 7.62 4.54 12.77
CA GLY A 55 8.79 4.76 11.93
C GLY A 55 9.63 3.49 11.72
N SER A 56 9.16 2.34 12.20
CA SER A 56 9.83 1.08 11.91
C SER A 56 9.74 0.78 10.41
N SER A 57 10.89 0.53 9.77
CA SER A 57 10.93 0.42 8.31
C SER A 57 11.91 -0.65 7.81
N GLU A 58 12.14 -1.70 8.61
CA GLU A 58 13.01 -2.79 8.18
C GLU A 58 12.22 -3.78 7.32
N ILE A 59 12.41 -3.72 6.00
CA ILE A 59 11.50 -4.41 5.10
C ILE A 59 12.26 -5.39 4.20
N SER A 60 13.25 -4.88 3.45
CA SER A 60 13.96 -5.63 2.43
C SER A 60 14.81 -6.74 3.06
N GLY A 61 14.95 -7.84 2.32
CA GLY A 61 15.99 -8.82 2.59
C GLY A 61 17.35 -8.34 2.06
N GLU A 62 18.42 -9.06 2.43
CA GLU A 62 19.79 -8.66 2.13
C GLU A 62 20.02 -8.61 0.62
N GLU A 63 19.32 -9.47 -0.12
CA GLU A 63 19.52 -9.58 -1.56
C GLU A 63 18.98 -8.33 -2.27
N ASP A 64 17.79 -7.87 -1.86
CA ASP A 64 17.23 -6.63 -2.38
C ASP A 64 18.16 -5.46 -2.09
N LEU A 65 18.69 -5.40 -0.86
CA LEU A 65 19.55 -4.29 -0.49
C LEU A 65 20.80 -4.27 -1.38
N ARG A 66 21.38 -5.44 -1.66
CA ARG A 66 22.52 -5.48 -2.56
C ARG A 66 22.12 -4.97 -3.95
N ARG A 67 20.92 -5.34 -4.41
CA ARG A 67 20.47 -4.92 -5.72
C ARG A 67 20.37 -3.40 -5.77
N VAL A 68 19.85 -2.80 -4.69
CA VAL A 68 19.66 -1.36 -4.59
C VAL A 68 21.02 -0.68 -4.71
N HIS A 69 22.02 -1.21 -3.99
CA HIS A 69 23.35 -0.62 -3.97
C HIS A 69 24.00 -0.72 -5.35
N GLU A 70 23.72 -1.82 -6.06
CA GLU A 70 24.20 -2.02 -7.41
C GLU A 70 23.55 -0.99 -8.34
N LEU A 71 22.24 -0.75 -8.14
CA LEU A 71 21.55 0.21 -8.98
C LEU A 71 22.04 1.63 -8.69
N ARG A 72 22.25 1.95 -7.40
CA ARG A 72 22.83 3.22 -7.01
C ARG A 72 24.07 3.52 -7.85
N ARG A 73 24.94 2.53 -8.03
CA ARG A 73 26.23 2.72 -8.68
C ARG A 73 26.03 3.00 -10.17
N GLU A 74 24.89 2.56 -10.71
CA GLU A 74 24.61 2.77 -12.12
C GLU A 74 23.83 4.08 -12.32
N CYS A 75 23.68 4.86 -11.24
CA CYS A 75 23.00 6.14 -11.32
C CYS A 75 24.01 7.26 -11.08
N ASP A 76 23.61 8.50 -11.41
CA ASP A 76 24.44 9.68 -11.18
C ASP A 76 24.12 10.31 -9.84
N ALA A 77 22.87 10.14 -9.37
CA ALA A 77 22.42 10.81 -8.16
C ALA A 77 21.33 9.97 -7.50
N ILE A 78 21.26 10.09 -6.17
CA ILE A 78 20.17 9.53 -5.37
C ILE A 78 19.43 10.71 -4.77
N MET A 79 18.09 10.67 -4.80
CA MET A 79 17.31 11.78 -4.20
C MET A 79 16.42 11.23 -3.08
N VAL A 80 16.40 11.94 -1.95
CA VAL A 80 15.54 11.57 -0.79
C VAL A 80 14.99 12.85 -0.18
N GLY A 81 13.88 12.73 0.53
CA GLY A 81 13.25 13.86 1.22
C GLY A 81 13.90 14.09 2.58
N ILE A 82 13.76 15.30 3.13
CA ILE A 82 14.34 15.66 4.42
C ILE A 82 13.83 14.71 5.51
N ASN A 83 12.56 14.31 5.42
CA ASN A 83 11.95 13.58 6.53
C ASN A 83 12.59 12.21 6.66
N THR A 84 12.96 11.61 5.52
CA THR A 84 13.71 10.36 5.48
C THR A 84 15.09 10.55 6.10
N VAL A 85 15.75 11.67 5.77
CA VAL A 85 17.08 11.96 6.32
C VAL A 85 16.97 12.09 7.84
N LEU A 86 15.95 12.80 8.32
CA LEU A 86 15.77 13.03 9.75
C LEU A 86 15.45 11.72 10.47
N ALA A 87 14.65 10.85 9.83
CA ALA A 87 14.23 9.60 10.43
C ALA A 87 15.37 8.60 10.53
N ASP A 88 16.18 8.48 9.46
CA ASP A 88 17.07 7.34 9.32
C ASP A 88 18.55 7.73 9.42
N ASP A 89 18.86 9.02 9.19
CA ASP A 89 20.24 9.49 9.09
C ASP A 89 21.05 8.57 8.18
N PRO A 90 20.65 8.35 6.91
CA PRO A 90 21.32 7.35 6.07
C PRO A 90 22.59 7.94 5.45
N ARG A 91 23.48 7.05 5.00
CA ARG A 91 24.71 7.44 4.35
C ARG A 91 24.44 7.74 2.88
N LEU A 92 23.51 6.99 2.29
CA LEU A 92 23.10 7.14 0.86
C LEU A 92 24.29 6.88 -0.07
N THR A 93 25.12 5.89 0.24
CA THR A 93 26.27 5.55 -0.59
C THR A 93 26.24 4.07 -0.99
N VAL A 94 27.19 3.68 -1.85
CA VAL A 94 27.36 2.29 -2.26
C VAL A 94 28.25 1.59 -1.25
N HIS A 95 27.65 0.73 -0.42
CA HIS A 95 28.45 0.06 0.65
C HIS A 95 27.98 -1.38 0.95
N ARG A 96 26.92 -1.87 0.31
CA ARG A 96 26.52 -3.24 0.59
C ARG A 96 27.11 -4.19 -0.45
N VAL A 97 27.74 -3.61 -1.47
CA VAL A 97 28.54 -4.34 -2.43
C VAL A 97 29.92 -3.68 -2.48
N ASP A 98 30.89 -4.40 -3.04
CA ASP A 98 32.22 -3.86 -3.26
C ASP A 98 32.13 -2.68 -4.22
N ALA A 99 32.66 -1.54 -3.77
CA ALA A 99 32.67 -0.30 -4.54
C ALA A 99 34.09 0.26 -4.58
N ALA A 100 34.31 1.17 -5.55
CA ALA A 100 35.56 1.87 -5.72
C ALA A 100 35.33 3.35 -5.36
N PRO A 101 36.32 4.25 -5.58
CA PRO A 101 36.17 5.67 -5.21
C PRO A 101 35.00 6.51 -5.75
N GLY A 102 34.99 6.73 -7.08
CA GLY A 102 33.99 7.59 -7.69
C GLY A 102 32.67 6.87 -7.98
N ASP A 103 32.46 5.70 -7.36
CA ASP A 103 31.28 4.89 -7.61
C ASP A 103 30.04 5.48 -6.96
N ASN A 104 30.23 6.28 -5.89
CA ASN A 104 29.12 6.85 -5.14
C ASN A 104 28.45 7.95 -5.96
N PRO A 105 27.11 7.92 -6.16
CA PRO A 105 26.44 9.01 -6.86
C PRO A 105 26.30 10.25 -5.98
N VAL A 106 25.97 11.37 -6.61
CA VAL A 106 25.67 12.60 -5.89
C VAL A 106 24.44 12.36 -5.04
N ARG A 107 24.50 12.82 -3.79
CA ARG A 107 23.39 12.68 -2.85
C ARG A 107 22.60 13.98 -2.84
N VAL A 108 21.28 13.88 -3.04
CA VAL A 108 20.44 15.05 -3.17
C VAL A 108 19.32 14.97 -2.13
N VAL A 109 19.21 16.01 -1.28
CA VAL A 109 18.15 16.04 -0.28
C VAL A 109 17.19 17.19 -0.62
N VAL A 110 15.89 16.86 -0.63
CA VAL A 110 14.85 17.87 -0.82
C VAL A 110 14.43 18.37 0.56
N ASP A 111 14.69 19.66 0.84
CA ASP A 111 14.73 20.21 2.20
C ASP A 111 14.39 21.71 2.18
N SER A 112 13.09 22.00 2.08
CA SER A 112 12.51 23.35 1.98
C SER A 112 13.11 24.35 2.96
N MET A 113 13.24 23.95 4.23
CA MET A 113 13.59 24.90 5.27
C MET A 113 14.99 24.65 5.80
N ALA A 114 15.79 23.91 5.03
CA ALA A 114 17.21 23.68 5.33
C ALA A 114 17.38 23.08 6.73
N ARG A 115 16.63 22.00 6.99
CA ARG A 115 16.62 21.34 8.28
C ARG A 115 17.64 20.21 8.36
N THR A 116 18.40 19.94 7.27
CA THR A 116 19.39 18.88 7.31
C THR A 116 20.42 19.18 8.40
N PRO A 117 20.54 18.33 9.45
CA PRO A 117 21.50 18.57 10.52
C PRO A 117 22.96 18.48 10.08
N PRO A 118 23.79 19.49 10.46
N PRO A 118 23.79 19.43 10.55
CA PRO A 118 25.16 19.61 9.96
CA PRO A 118 25.21 19.53 10.16
C PRO A 118 26.02 18.35 10.19
C PRO A 118 26.03 18.25 10.34
N HIS A 119 25.60 17.53 11.17
N HIS A 119 25.70 17.41 11.32
CA HIS A 119 26.36 16.38 11.65
CA HIS A 119 26.53 16.25 11.56
C HIS A 119 25.86 15.07 11.03
C HIS A 119 25.81 14.98 11.09
N PHE A 120 24.82 15.14 10.21
CA PHE A 120 24.19 13.95 9.64
C PHE A 120 25.10 13.33 8.59
N ARG A 121 25.04 12.00 8.50
CA ARG A 121 25.91 11.20 7.63
C ARG A 121 25.81 11.68 6.17
N VAL A 122 24.64 12.16 5.77
CA VAL A 122 24.41 12.57 4.39
C VAL A 122 25.33 13.74 4.04
N LEU A 123 25.89 14.39 5.07
CA LEU A 123 26.74 15.53 4.83
C LEU A 123 28.20 15.17 5.06
N ASN A 124 28.51 13.86 5.19
CA ASN A 124 29.89 13.44 5.41
C ASN A 124 30.68 13.54 4.10
N ASP A 125 31.89 12.98 4.09
CA ASP A 125 32.81 13.20 3.00
CA ASP A 125 32.84 13.18 3.01
C ASP A 125 32.87 11.99 2.07
N GLU A 126 31.89 11.07 2.19
CA GLU A 126 31.90 9.88 1.35
C GLU A 126 31.62 10.20 -0.11
N ALA A 127 30.84 11.27 -0.36
CA ALA A 127 30.30 11.53 -1.69
C ALA A 127 29.87 12.98 -1.80
N PRO A 128 29.69 13.53 -3.03
CA PRO A 128 29.13 14.87 -3.19
C PRO A 128 27.68 14.89 -2.70
N THR A 129 27.28 16.02 -2.12
CA THR A 129 25.93 16.21 -1.62
C THR A 129 25.37 17.52 -2.17
N VAL A 130 24.08 17.49 -2.55
CA VAL A 130 23.35 18.67 -2.98
C VAL A 130 22.10 18.78 -2.12
N ILE A 131 21.87 19.98 -1.56
CA ILE A 131 20.62 20.22 -0.85
C ILE A 131 19.79 21.23 -1.63
N GLY A 132 18.57 20.81 -2.00
CA GLY A 132 17.59 21.73 -2.57
C GLY A 132 16.72 22.34 -1.48
N VAL A 133 16.69 23.67 -1.40
CA VAL A 133 15.96 24.40 -0.38
C VAL A 133 15.04 25.41 -1.06
N SER A 134 14.06 25.93 -0.31
CA SER A 134 13.22 27.02 -0.80
C SER A 134 13.80 28.37 -0.37
N GLU A 135 13.28 29.42 -0.99
CA GLU A 135 13.65 30.79 -0.68
C GLU A 135 13.28 31.11 0.77
N SER A 136 12.40 30.30 1.38
CA SER A 136 11.89 30.57 2.71
C SER A 136 12.83 30.05 3.80
N ALA A 137 13.86 29.27 3.42
CA ALA A 137 14.74 28.67 4.40
C ALA A 137 15.51 29.79 5.11
N PRO A 138 15.71 29.71 6.44
CA PRO A 138 16.48 30.73 7.17
C PRO A 138 17.91 30.79 6.61
N PRO A 139 18.48 31.99 6.40
CA PRO A 139 19.82 32.14 5.81
C PRO A 139 20.95 31.52 6.66
N GLU A 140 20.83 31.60 7.99
CA GLU A 140 21.82 31.01 8.86
C GLU A 140 21.99 29.53 8.53
N ARG A 141 20.87 28.82 8.39
CA ARG A 141 20.91 27.40 8.16
C ARG A 141 21.45 27.10 6.75
N VAL A 142 21.02 27.91 5.77
CA VAL A 142 21.50 27.79 4.40
C VAL A 142 23.01 27.97 4.35
N ALA A 143 23.50 29.02 5.02
CA ALA A 143 24.93 29.34 4.97
C ALA A 143 25.74 28.19 5.56
N GLU A 144 25.22 27.58 6.64
CA GLU A 144 25.88 26.47 7.31
C GLU A 144 25.90 25.23 6.39
N LEU A 145 24.80 25.02 5.67
CA LEU A 145 24.72 23.88 4.76
C LEU A 145 25.76 24.01 3.65
N ARG A 146 26.00 25.25 3.19
CA ARG A 146 26.93 25.48 2.09
C ARG A 146 28.35 25.05 2.45
N LYS A 147 28.64 24.92 3.76
CA LYS A 147 29.98 24.49 4.17
C LYS A 147 30.21 23.01 3.83
N ARG A 148 29.13 22.24 3.65
CA ARG A 148 29.26 20.79 3.56
C ARG A 148 28.59 20.23 2.30
N ALA A 149 27.86 21.08 1.57
CA ALA A 149 27.11 20.64 0.40
C ALA A 149 26.94 21.81 -0.56
N GLU A 150 26.62 21.52 -1.81
CA GLU A 150 26.11 22.55 -2.70
C GLU A 150 24.63 22.76 -2.38
N VAL A 151 24.22 24.02 -2.28
CA VAL A 151 22.83 24.34 -2.03
C VAL A 151 22.20 24.94 -3.27
N VAL A 152 21.08 24.36 -3.70
CA VAL A 152 20.31 24.90 -4.79
C VAL A 152 19.03 25.49 -4.21
N VAL A 153 18.87 26.80 -4.38
CA VAL A 153 17.63 27.48 -3.92
C VAL A 153 16.62 27.37 -5.07
N ALA A 154 15.48 26.72 -4.83
CA ALA A 154 14.49 26.57 -5.89
C ALA A 154 13.08 26.46 -5.30
N GLY A 155 12.26 27.49 -5.56
CA GLY A 155 10.88 27.53 -5.10
C GLY A 155 10.71 28.44 -3.89
N THR A 156 9.49 28.98 -3.73
CA THR A 156 9.25 30.03 -2.75
C THR A 156 9.14 29.47 -1.33
N ARG A 157 8.16 28.59 -1.11
CA ARG A 157 7.89 28.07 0.23
C ARG A 157 8.24 26.59 0.26
N ARG A 158 8.22 25.99 -0.92
CA ARG A 158 8.40 24.56 -1.08
C ARG A 158 9.34 24.36 -2.26
N VAL A 159 10.13 23.28 -2.23
CA VAL A 159 11.07 23.06 -3.30
C VAL A 159 10.30 22.84 -4.59
N ASP A 160 10.68 23.60 -5.63
CA ASP A 160 10.16 23.39 -6.96
C ASP A 160 10.96 22.27 -7.61
N LEU A 161 10.33 21.10 -7.74
CA LEU A 161 11.05 19.88 -8.10
C LEU A 161 11.48 19.92 -9.56
N HIS A 162 10.65 20.52 -10.43
CA HIS A 162 10.99 20.69 -11.84
C HIS A 162 12.27 21.50 -11.98
N LEU A 163 12.33 22.63 -11.25
CA LEU A 163 13.46 23.53 -11.32
CA LEU A 163 13.46 23.54 -11.30
C LEU A 163 14.69 22.85 -10.73
N LEU A 164 14.52 22.13 -9.61
CA LEU A 164 15.63 21.43 -9.00
C LEU A 164 16.24 20.44 -9.99
N LEU A 165 15.39 19.63 -10.64
CA LEU A 165 15.89 18.62 -11.57
C LEU A 165 16.64 19.28 -12.73
N GLU A 166 16.13 20.44 -13.19
CA GLU A 166 16.79 21.16 -14.26
C GLU A 166 18.19 21.55 -13.81
N ARG A 167 18.31 22.00 -12.56
CA ARG A 167 19.59 22.43 -12.05
C ARG A 167 20.50 21.21 -11.85
N LEU A 168 19.90 20.05 -11.56
CA LEU A 168 20.70 18.84 -11.36
C LEU A 168 21.34 18.42 -12.69
N HIS A 169 20.59 18.55 -13.79
CA HIS A 169 21.12 18.26 -15.11
CA HIS A 169 21.13 18.25 -15.11
C HIS A 169 22.45 18.99 -15.31
N GLY A 170 22.50 20.24 -14.85
CA GLY A 170 23.69 21.08 -14.98
C GLY A 170 24.91 20.52 -14.25
N MET A 171 24.70 19.58 -13.32
CA MET A 171 25.82 19.00 -12.60
C MET A 171 26.12 17.61 -13.13
N GLY A 172 25.76 17.36 -14.40
CA GLY A 172 26.08 16.12 -15.09
C GLY A 172 25.21 14.94 -14.64
N ILE A 173 24.04 15.24 -14.08
CA ILE A 173 23.16 14.18 -13.58
C ILE A 173 22.15 13.83 -14.67
N GLU A 174 22.29 12.63 -15.23
CA GLU A 174 21.51 12.13 -16.36
C GLU A 174 20.55 11.04 -15.89
N ARG A 175 20.94 10.33 -14.81
CA ARG A 175 20.13 9.28 -14.24
C ARG A 175 20.07 9.47 -12.73
N LEU A 176 18.84 9.51 -12.20
CA LEU A 176 18.63 9.76 -10.78
C LEU A 176 17.72 8.68 -10.20
N MET A 177 18.11 8.18 -9.02
CA MET A 177 17.31 7.22 -8.28
C MET A 177 16.62 7.92 -7.12
N LEU A 178 15.28 7.92 -7.16
CA LEU A 178 14.48 8.52 -6.10
C LEU A 178 14.15 7.45 -5.08
N GLU A 179 14.51 7.69 -3.81
CA GLU A 179 14.39 6.67 -2.77
C GLU A 179 13.44 7.10 -1.65
N GLY A 180 12.43 7.94 -1.96
CA GLY A 180 11.36 8.24 -1.02
C GLY A 180 11.60 9.49 -0.17
N GLY A 181 10.78 9.73 0.85
CA GLY A 181 9.70 8.86 1.30
C GLY A 181 8.40 9.16 0.56
N SER A 182 7.29 8.75 1.16
CA SER A 182 5.94 8.74 0.52
C SER A 182 5.44 10.12 0.08
N THR A 183 5.78 11.17 0.82
CA THR A 183 5.35 12.52 0.47
C THR A 183 6.08 12.98 -0.79
N LEU A 184 7.42 12.85 -0.81
CA LEU A 184 8.22 13.22 -1.96
C LEU A 184 7.83 12.38 -3.18
N ASN A 185 7.57 11.07 -2.97
CA ASN A 185 7.11 10.21 -4.05
C ASN A 185 5.87 10.79 -4.71
N TYR A 186 4.88 11.23 -3.90
CA TYR A 186 3.65 11.75 -4.44
C TYR A 186 3.93 12.95 -5.35
N SER A 187 4.74 13.89 -4.85
CA SER A 187 5.06 15.11 -5.57
C SER A 187 5.77 14.80 -6.88
N MET A 188 6.75 13.89 -6.83
CA MET A 188 7.53 13.59 -8.02
C MET A 188 6.64 12.91 -9.06
N LEU A 189 5.76 12.02 -8.60
CA LEU A 189 4.88 11.27 -9.49
C LEU A 189 3.84 12.21 -10.12
N THR A 190 3.19 13.05 -9.31
CA THR A 190 2.16 13.91 -9.88
C THR A 190 2.78 15.04 -10.70
N GLY A 191 4.09 15.25 -10.53
CA GLY A 191 4.79 16.28 -11.28
C GLY A 191 5.27 15.78 -12.64
N GLY A 192 5.02 14.49 -12.90
CA GLY A 192 5.48 13.82 -14.10
C GLY A 192 7.01 13.73 -14.17
N LEU A 193 7.63 13.48 -13.01
CA LEU A 193 9.09 13.50 -12.92
C LEU A 193 9.65 12.12 -12.62
N VAL A 194 8.88 11.06 -12.90
CA VAL A 194 9.31 9.68 -12.67
C VAL A 194 9.08 8.88 -13.95
N ASP A 195 10.13 8.18 -14.40
CA ASP A 195 10.10 7.41 -15.64
C ASP A 195 9.83 5.94 -15.38
N GLU A 196 10.30 5.43 -14.23
CA GLU A 196 10.19 4.02 -13.89
C GLU A 196 9.95 3.87 -12.39
N VAL A 197 9.33 2.74 -12.02
CA VAL A 197 9.07 2.37 -10.64
C VAL A 197 9.60 0.95 -10.41
N ARG A 198 10.44 0.78 -9.38
CA ARG A 198 10.91 -0.52 -8.95
C ARG A 198 10.51 -0.71 -7.48
N VAL A 199 9.77 -1.79 -7.19
CA VAL A 199 9.31 -2.02 -5.83
C VAL A 199 9.69 -3.43 -5.35
N CYS A 200 10.35 -3.48 -4.18
CA CYS A 200 10.56 -4.72 -3.48
C CYS A 200 9.36 -4.96 -2.57
N ILE A 201 8.60 -6.03 -2.83
CA ILE A 201 7.44 -6.34 -2.01
C ILE A 201 7.80 -7.50 -1.08
N ALA A 202 7.82 -7.21 0.23
CA ALA A 202 8.14 -8.21 1.24
C ALA A 202 6.89 -8.99 1.63
N PRO A 203 7.03 -10.31 1.90
CA PRO A 203 5.88 -11.15 2.26
C PRO A 203 5.47 -10.98 3.72
N MET A 204 4.92 -9.81 4.02
CA MET A 204 4.57 -9.42 5.37
C MET A 204 3.47 -8.37 5.34
N ILE A 205 2.68 -8.31 6.41
CA ILE A 205 1.62 -7.33 6.57
C ILE A 205 1.75 -6.70 7.96
N VAL A 206 1.57 -5.37 8.03
CA VAL A 206 1.64 -4.66 9.30
C VAL A 206 0.34 -3.89 9.57
N GLY A 207 -0.39 -3.54 8.52
CA GLY A 207 -1.56 -2.68 8.65
C GLY A 207 -1.17 -1.29 9.20
N GLY A 208 -2.18 -0.57 9.69
CA GLY A 208 -1.96 0.74 10.30
C GLY A 208 -2.48 1.86 9.41
N ARG A 209 -3.55 2.52 9.87
CA ARG A 209 -4.18 3.60 9.13
C ARG A 209 -3.23 4.80 9.04
N ASP A 210 -2.23 4.84 9.94
CA ASP A 210 -1.31 5.97 10.00
C ASP A 210 0.09 5.55 9.54
N ALA A 211 0.25 4.30 9.10
CA ALA A 211 1.53 3.90 8.55
C ALA A 211 1.75 4.64 7.23
N ARG A 212 3.01 4.84 6.89
CA ARG A 212 3.41 5.49 5.63
C ARG A 212 3.30 4.44 4.52
N THR A 213 2.70 4.84 3.40
CA THR A 213 2.54 3.91 2.26
C THR A 213 3.58 4.24 1.19
N LEU A 214 3.58 3.47 0.11
CA LEU A 214 4.47 3.72 -1.03
C LEU A 214 4.33 5.17 -1.46
N VAL A 215 3.09 5.66 -1.51
CA VAL A 215 2.78 7.01 -1.97
C VAL A 215 1.67 7.61 -1.13
N ASP A 216 2.00 8.67 -0.39
CA ASP A 216 1.00 9.39 0.40
C ASP A 216 0.65 10.70 -0.30
N GLY A 217 0.89 11.82 0.39
CA GLY A 217 0.46 13.12 -0.10
C GLY A 217 -1.06 13.25 -0.14
N GLU A 218 -1.56 14.20 -0.93
CA GLU A 218 -2.98 14.53 -0.86
C GLU A 218 -3.82 13.49 -1.60
N GLY A 219 -3.24 12.83 -2.61
CA GLY A 219 -3.90 11.73 -3.27
C GLY A 219 -4.73 12.18 -4.47
N ILE A 220 -4.89 11.26 -5.44
CA ILE A 220 -5.76 11.48 -6.59
C ILE A 220 -7.15 10.97 -6.21
N ASP A 221 -8.17 11.79 -6.49
CA ASP A 221 -9.52 11.58 -5.97
C ASP A 221 -10.22 10.42 -6.66
N GLU A 222 -9.94 10.24 -7.96
CA GLU A 222 -10.66 9.26 -8.75
C GLU A 222 -9.68 8.23 -9.30
N MET A 223 -10.06 6.95 -9.22
CA MET A 223 -9.25 5.87 -9.76
C MET A 223 -9.04 6.08 -11.26
N ALA A 224 -10.04 6.69 -11.91
CA ALA A 224 -10.00 6.98 -13.34
C ALA A 224 -8.78 7.85 -13.68
N ASP A 225 -8.36 8.69 -12.73
CA ASP A 225 -7.32 9.67 -12.96
C ASP A 225 -5.97 9.21 -12.41
N ALA A 226 -5.87 7.93 -12.03
CA ALA A 226 -4.62 7.39 -11.53
C ALA A 226 -3.51 7.56 -12.56
N ILE A 227 -2.28 7.74 -12.05
CA ILE A 227 -1.09 7.53 -12.85
C ILE A 227 -1.06 6.07 -13.29
N ARG A 228 -0.90 5.85 -14.60
CA ARG A 228 -0.93 4.52 -15.18
C ARG A 228 0.49 4.00 -15.40
N LEU A 229 0.67 2.69 -15.24
CA LEU A 229 1.98 2.07 -15.33
C LEU A 229 1.92 0.87 -16.27
N GLU A 230 3.09 0.38 -16.66
CA GLU A 230 3.17 -0.87 -17.41
C GLU A 230 4.24 -1.75 -16.78
N LEU A 231 3.87 -3.00 -16.48
CA LEU A 231 4.78 -3.93 -15.84
C LEU A 231 5.81 -4.39 -16.87
N LYS A 232 7.09 -4.26 -16.53
CA LYS A 232 8.19 -4.68 -17.44
C LYS A 232 8.51 -6.15 -17.12
N ARG A 233 8.67 -6.44 -15.83
CA ARG A 233 8.96 -7.83 -15.36
C ARG A 233 8.80 -7.90 -13.84
N SER A 234 8.47 -9.10 -13.35
CA SER A 234 8.34 -9.40 -11.90
C SER A 234 9.10 -10.70 -11.63
N TYR A 235 9.80 -10.78 -10.49
CA TYR A 235 10.58 -11.94 -10.16
C TYR A 235 10.84 -11.94 -8.66
N THR A 236 11.14 -13.12 -8.12
CA THR A 236 11.50 -13.25 -6.71
C THR A 236 12.99 -12.97 -6.56
N LEU A 237 13.35 -12.40 -5.40
CA LEU A 237 14.73 -12.15 -5.02
C LEU A 237 14.81 -12.41 -3.52
N GLY A 238 15.53 -13.47 -3.13
CA GLY A 238 15.44 -13.99 -1.78
C GLY A 238 13.99 -14.28 -1.42
N GLU A 239 13.55 -13.77 -0.27
CA GLU A 239 12.19 -13.95 0.20
C GLU A 239 11.24 -12.94 -0.44
N ASP A 240 11.77 -11.99 -1.23
CA ASP A 240 10.98 -10.85 -1.66
C ASP A 240 10.49 -11.02 -3.10
N LEU A 241 9.47 -10.23 -3.46
CA LEU A 241 9.00 -10.16 -4.84
C LEU A 241 9.32 -8.78 -5.41
N ILE A 242 10.06 -8.77 -6.52
CA ILE A 242 10.44 -7.51 -7.14
C ILE A 242 9.52 -7.26 -8.34
N VAL A 243 9.01 -6.03 -8.45
CA VAL A 243 8.24 -5.64 -9.62
C VAL A 243 8.82 -4.36 -10.20
N GLU A 244 8.94 -4.32 -11.54
CA GLU A 244 9.50 -3.18 -12.25
C GLU A 244 8.48 -2.70 -13.28
N TYR A 245 8.15 -1.41 -13.23
CA TYR A 245 7.16 -0.79 -14.10
C TYR A 245 7.77 0.40 -14.81
N THR A 246 7.24 0.70 -15.98
CA THR A 246 7.45 2.01 -16.57
C THR A 246 6.19 2.84 -16.34
N VAL A 247 6.38 4.18 -16.29
CA VAL A 247 5.28 5.11 -16.11
C VAL A 247 4.80 5.52 -17.50
N LYS A 248 3.51 5.31 -17.79
CA LYS A 248 2.99 5.73 -19.07
C LYS A 248 2.65 7.22 -18.99
N GLY A 249 2.22 7.64 -17.79
CA GLY A 249 1.51 8.87 -17.57
C GLY A 249 0.23 8.62 -16.79
N MET B 34 -14.21 -23.96 16.47
CA MET B 34 -13.45 -24.09 15.19
C MET B 34 -13.80 -22.91 14.29
N ARG B 35 -13.54 -23.05 12.98
CA ARG B 35 -13.82 -21.99 12.02
C ARG B 35 -13.58 -22.53 10.61
N PRO B 36 -14.18 -21.90 9.57
CA PRO B 36 -13.89 -22.29 8.19
C PRO B 36 -12.48 -21.87 7.82
N TYR B 37 -11.99 -22.46 6.72
CA TYR B 37 -10.80 -22.01 6.02
C TYR B 37 -11.12 -20.65 5.38
N VAL B 38 -10.16 -19.71 5.47
CA VAL B 38 -10.42 -18.32 5.10
C VAL B 38 -9.40 -17.81 4.09
N ILE B 39 -9.90 -17.41 2.92
CA ILE B 39 -9.09 -16.77 1.89
C ILE B 39 -9.46 -15.28 1.86
N LEU B 40 -8.48 -14.42 2.14
CA LEU B 40 -8.64 -12.99 1.95
C LEU B 40 -8.34 -12.67 0.49
N ASN B 41 -9.31 -12.04 -0.20
CA ASN B 41 -9.07 -11.60 -1.57
C ASN B 41 -9.33 -10.10 -1.68
N ALA B 42 -8.50 -9.42 -2.48
CA ALA B 42 -8.57 -7.98 -2.64
C ALA B 42 -8.01 -7.55 -3.99
N ALA B 43 -8.29 -6.31 -4.36
CA ALA B 43 -7.66 -5.64 -5.48
C ALA B 43 -7.10 -4.32 -4.97
N MET B 44 -5.84 -4.03 -5.31
CA MET B 44 -5.24 -2.79 -4.84
C MET B 44 -4.39 -2.18 -5.94
N THR B 45 -4.16 -0.87 -5.83
CA THR B 45 -3.20 -0.16 -6.67
C THR B 45 -1.80 -0.54 -6.19
N LEU B 46 -0.79 -0.23 -7.02
CA LEU B 46 0.58 -0.62 -6.71
C LEU B 46 0.99 -0.01 -5.37
N ASP B 47 0.47 1.18 -5.08
CA ASP B 47 0.81 1.90 -3.86
C ASP B 47 -0.08 1.46 -2.70
N GLY B 48 -0.84 0.37 -2.90
CA GLY B 48 -1.47 -0.37 -1.82
C GLY B 48 -2.87 0.13 -1.45
N LYS B 49 -3.53 0.87 -2.35
CA LYS B 49 -4.82 1.45 -2.02
C LYS B 49 -5.94 0.59 -2.60
N ILE B 50 -7.02 0.42 -1.81
CA ILE B 50 -8.21 -0.30 -2.23
C ILE B 50 -9.35 0.67 -2.52
N ALA B 51 -9.19 1.93 -2.08
CA ALA B 51 -10.13 3.02 -2.36
C ALA B 51 -9.45 4.35 -2.07
N THR B 52 -9.83 5.39 -2.82
CA THR B 52 -9.35 6.74 -2.54
C THR B 52 -10.09 7.30 -1.33
N ALA B 53 -9.66 8.47 -0.85
CA ALA B 53 -10.29 9.15 0.27
C ALA B 53 -11.77 9.41 -0.01
N THR B 54 -12.12 9.59 -1.30
CA THR B 54 -13.48 9.86 -1.70
C THR B 54 -14.25 8.58 -2.04
N GLY B 55 -13.62 7.41 -1.83
CA GLY B 55 -14.34 6.14 -1.93
C GLY B 55 -14.29 5.50 -3.31
N SER B 56 -13.67 6.18 -4.29
CA SER B 56 -13.50 5.64 -5.62
C SER B 56 -12.64 4.38 -5.56
N SER B 57 -13.15 3.27 -6.12
CA SER B 57 -12.50 1.97 -5.96
C SER B 57 -12.55 1.09 -7.22
N GLU B 58 -12.68 1.67 -8.40
CA GLU B 58 -12.64 0.85 -9.60
C GLU B 58 -11.19 0.54 -9.95
N ILE B 59 -10.77 -0.72 -9.71
CA ILE B 59 -9.35 -1.05 -9.77
C ILE B 59 -9.11 -2.20 -10.75
N SER B 60 -9.83 -3.31 -10.56
CA SER B 60 -9.63 -4.56 -11.28
C SER B 60 -9.98 -4.39 -12.76
N GLY B 61 -9.16 -5.04 -13.62
CA GLY B 61 -9.57 -5.31 -14.98
C GLY B 61 -10.62 -6.42 -15.02
N GLU B 62 -11.18 -6.65 -16.21
CA GLU B 62 -12.27 -7.59 -16.41
C GLU B 62 -11.86 -9.01 -16.02
N GLU B 63 -10.62 -9.40 -16.33
CA GLU B 63 -10.18 -10.77 -16.09
C GLU B 63 -10.17 -11.08 -14.59
N ASP B 64 -9.69 -10.12 -13.78
CA ASP B 64 -9.62 -10.29 -12.34
C ASP B 64 -11.03 -10.44 -11.77
N LEU B 65 -11.97 -9.63 -12.29
CA LEU B 65 -13.34 -9.70 -11.84
C LEU B 65 -13.92 -11.10 -12.08
N ARG B 66 -13.59 -11.71 -13.22
CA ARG B 66 -13.94 -13.10 -13.49
C ARG B 66 -13.25 -14.03 -12.49
N ARG B 67 -11.95 -13.82 -12.26
CA ARG B 67 -11.25 -14.65 -11.29
C ARG B 67 -12.00 -14.62 -9.96
N VAL B 68 -12.41 -13.42 -9.54
CA VAL B 68 -13.08 -13.20 -8.27
C VAL B 68 -14.39 -14.00 -8.21
N HIS B 69 -15.17 -13.95 -9.29
CA HIS B 69 -16.48 -14.58 -9.30
C HIS B 69 -16.33 -16.09 -9.32
N GLU B 70 -15.28 -16.59 -9.98
CA GLU B 70 -14.97 -18.01 -9.99
C GLU B 70 -14.64 -18.48 -8.58
N LEU B 71 -13.93 -17.63 -7.81
CA LEU B 71 -13.50 -17.98 -6.46
C LEU B 71 -14.70 -17.99 -5.53
N ARG B 72 -15.62 -17.04 -5.76
CA ARG B 72 -16.88 -17.01 -5.04
C ARG B 72 -17.61 -18.33 -5.23
N ARG B 73 -17.66 -18.80 -6.48
CA ARG B 73 -18.36 -20.01 -6.84
C ARG B 73 -17.81 -21.17 -6.00
N GLU B 74 -16.50 -21.12 -5.75
CA GLU B 74 -15.77 -22.18 -5.07
C GLU B 74 -15.92 -22.12 -3.54
N CYS B 75 -16.48 -21.04 -2.97
CA CYS B 75 -16.51 -20.97 -1.53
C CYS B 75 -17.93 -21.16 -1.00
N ASP B 76 -18.07 -21.34 0.32
CA ASP B 76 -19.38 -21.54 0.94
C ASP B 76 -19.97 -20.21 1.37
N ALA B 77 -19.11 -19.21 1.65
CA ALA B 77 -19.58 -17.92 2.12
C ALA B 77 -18.63 -16.80 1.69
N ILE B 78 -19.19 -15.58 1.62
CA ILE B 78 -18.41 -14.37 1.43
C ILE B 78 -18.62 -13.50 2.65
N MET B 79 -17.56 -12.82 3.10
CA MET B 79 -17.66 -11.95 4.26
C MET B 79 -17.12 -10.55 3.92
N VAL B 80 -17.92 -9.52 4.23
CA VAL B 80 -17.51 -8.12 4.11
C VAL B 80 -17.94 -7.38 5.37
N GLY B 81 -17.34 -6.21 5.59
CA GLY B 81 -17.71 -5.32 6.68
C GLY B 81 -18.84 -4.37 6.27
N ILE B 82 -19.56 -3.84 7.27
CA ILE B 82 -20.68 -2.94 7.05
C ILE B 82 -20.24 -1.72 6.25
N ASN B 83 -19.00 -1.25 6.47
CA ASN B 83 -18.57 -0.04 5.80
C ASN B 83 -18.52 -0.26 4.30
N THR B 84 -18.12 -1.47 3.89
CA THR B 84 -18.05 -1.82 2.47
C THR B 84 -19.45 -1.88 1.87
N VAL B 85 -20.41 -2.39 2.65
CA VAL B 85 -21.78 -2.54 2.19
C VAL B 85 -22.40 -1.16 1.96
N LEU B 86 -22.19 -0.23 2.91
CA LEU B 86 -22.77 1.11 2.84
C LEU B 86 -22.16 1.88 1.66
N ALA B 87 -20.87 1.68 1.41
CA ALA B 87 -20.14 2.39 0.38
C ALA B 87 -20.52 1.91 -1.01
N ASP B 88 -20.65 0.58 -1.20
CA ASP B 88 -20.69 0.02 -2.54
C ASP B 88 -22.05 -0.60 -2.89
N ASP B 89 -22.90 -0.85 -1.89
CA ASP B 89 -24.16 -1.56 -2.09
C ASP B 89 -23.92 -2.77 -3.01
N PRO B 90 -23.05 -3.74 -2.65
CA PRO B 90 -22.74 -4.84 -3.56
C PRO B 90 -23.77 -5.95 -3.50
N ARG B 91 -23.79 -6.77 -4.55
CA ARG B 91 -24.64 -7.96 -4.59
C ARG B 91 -23.97 -9.10 -3.82
N LEU B 92 -22.64 -9.21 -3.98
CA LEU B 92 -21.83 -10.28 -3.41
C LEU B 92 -22.32 -11.65 -3.87
N THR B 93 -22.63 -11.78 -5.16
CA THR B 93 -23.04 -13.06 -5.71
C THR B 93 -22.14 -13.41 -6.90
N VAL B 94 -22.41 -14.57 -7.52
CA VAL B 94 -21.68 -15.00 -8.69
C VAL B 94 -22.46 -14.57 -9.93
N HIS B 95 -21.92 -13.60 -10.68
CA HIS B 95 -22.67 -13.09 -11.83
C HIS B 95 -21.78 -12.71 -13.02
N ARG B 96 -20.46 -12.85 -12.90
CA ARG B 96 -19.61 -12.50 -14.04
C ARG B 96 -19.18 -13.78 -14.77
N VAL B 97 -19.48 -14.91 -14.14
CA VAL B 97 -19.25 -16.21 -14.73
C VAL B 97 -20.55 -17.00 -14.59
N ASP B 98 -20.70 -18.04 -15.42
CA ASP B 98 -21.86 -18.90 -15.39
C ASP B 98 -21.97 -19.54 -14.00
N ALA B 99 -23.20 -19.54 -13.48
CA ALA B 99 -23.48 -20.02 -12.14
C ALA B 99 -24.67 -20.97 -12.18
N ALA B 100 -24.49 -22.15 -11.56
CA ALA B 100 -25.61 -23.05 -11.29
C ALA B 100 -26.51 -22.40 -10.24
N PRO B 101 -27.78 -22.85 -10.09
CA PRO B 101 -28.71 -22.21 -9.15
C PRO B 101 -28.33 -22.25 -7.68
N GLY B 102 -27.38 -23.15 -7.33
CA GLY B 102 -26.94 -23.28 -5.94
C GLY B 102 -25.58 -22.64 -5.70
N ASP B 103 -25.03 -21.97 -6.72
CA ASP B 103 -23.63 -21.61 -6.72
C ASP B 103 -23.33 -20.41 -5.82
N ASN B 104 -24.34 -19.57 -5.55
CA ASN B 104 -24.15 -18.38 -4.73
C ASN B 104 -23.84 -18.77 -3.28
N PRO B 105 -22.67 -18.36 -2.74
CA PRO B 105 -22.33 -18.61 -1.34
C PRO B 105 -23.18 -17.78 -0.38
N VAL B 106 -23.18 -18.17 0.90
CA VAL B 106 -23.82 -17.38 1.95
C VAL B 106 -23.13 -16.03 2.04
N ARG B 107 -23.92 -14.95 2.09
CA ARG B 107 -23.35 -13.62 2.22
C ARG B 107 -23.37 -13.20 3.68
N VAL B 108 -22.21 -12.77 4.20
CA VAL B 108 -22.02 -12.49 5.62
C VAL B 108 -21.57 -11.05 5.80
N VAL B 109 -22.34 -10.26 6.57
CA VAL B 109 -21.96 -8.88 6.82
C VAL B 109 -21.60 -8.71 8.29
N VAL B 110 -20.42 -8.11 8.56
CA VAL B 110 -19.97 -7.79 9.91
C VAL B 110 -20.47 -6.39 10.27
N ASP B 111 -21.41 -6.34 11.22
CA ASP B 111 -22.30 -5.20 11.36
C ASP B 111 -22.71 -4.99 12.81
N SER B 112 -21.79 -4.47 13.62
CA SER B 112 -21.97 -4.47 15.07
C SER B 112 -23.28 -3.78 15.50
N MET B 113 -23.67 -2.69 14.83
CA MET B 113 -24.86 -1.94 15.24
C MET B 113 -26.02 -2.09 14.25
N ALA B 114 -26.09 -3.22 13.53
CA ALA B 114 -27.23 -3.56 12.66
C ALA B 114 -27.60 -2.41 11.71
N ARG B 115 -26.62 -1.89 10.97
CA ARG B 115 -26.81 -0.72 10.12
C ARG B 115 -27.00 -1.09 8.65
N THR B 116 -26.97 -2.38 8.30
CA THR B 116 -27.22 -2.79 6.92
C THR B 116 -28.60 -2.31 6.48
N PRO B 117 -28.72 -1.42 5.45
CA PRO B 117 -30.03 -0.92 5.06
C PRO B 117 -30.91 -2.06 4.56
N PRO B 118 -32.17 -2.19 5.04
N PRO B 118 -32.22 -2.04 4.92
CA PRO B 118 -33.00 -3.34 4.68
CA PRO B 118 -33.18 -3.07 4.53
C PRO B 118 -33.31 -3.41 3.18
C PRO B 118 -33.37 -3.30 3.03
N HIS B 119 -33.02 -2.33 2.45
N HIS B 119 -33.08 -2.29 2.20
CA HIS B 119 -33.33 -2.23 1.03
CA HIS B 119 -33.35 -2.45 0.78
C HIS B 119 -32.14 -2.68 0.16
C HIS B 119 -32.05 -2.43 -0.01
N PHE B 120 -30.92 -2.58 0.69
CA PHE B 120 -29.65 -2.80 0.00
C PHE B 120 -29.59 -4.18 -0.63
N ARG B 121 -28.73 -4.33 -1.64
CA ARG B 121 -28.74 -5.49 -2.53
C ARG B 121 -28.30 -6.76 -1.80
N VAL B 122 -27.51 -6.63 -0.73
CA VAL B 122 -26.97 -7.77 -0.01
C VAL B 122 -28.09 -8.54 0.69
N LEU B 123 -29.24 -7.89 0.87
CA LEU B 123 -30.41 -8.56 1.43
C LEU B 123 -31.40 -8.95 0.33
N ASN B 124 -30.96 -9.01 -0.93
CA ASN B 124 -31.87 -9.44 -1.98
C ASN B 124 -32.09 -10.95 -1.90
N ASP B 125 -32.80 -11.51 -2.88
CA ASP B 125 -33.21 -12.91 -2.83
C ASP B 125 -32.25 -13.82 -3.61
N GLU B 126 -31.05 -13.33 -3.96
CA GLU B 126 -30.15 -14.09 -4.81
C GLU B 126 -29.52 -15.26 -4.04
N ALA B 127 -29.39 -15.10 -2.72
CA ALA B 127 -28.65 -16.04 -1.91
C ALA B 127 -28.94 -15.75 -0.44
N PRO B 128 -28.67 -16.72 0.48
CA PRO B 128 -28.94 -16.50 1.91
C PRO B 128 -27.96 -15.45 2.42
N THR B 129 -28.39 -14.68 3.42
CA THR B 129 -27.54 -13.68 4.03
C THR B 129 -27.59 -13.80 5.54
N VAL B 130 -26.41 -13.61 6.17
CA VAL B 130 -26.20 -13.59 7.61
C VAL B 130 -25.64 -12.21 7.99
N ILE B 131 -26.23 -11.58 9.02
CA ILE B 131 -25.67 -10.37 9.60
C ILE B 131 -25.12 -10.68 10.99
N GLY B 132 -23.82 -10.45 11.17
CA GLY B 132 -23.20 -10.54 12.48
C GLY B 132 -23.28 -9.19 13.18
N VAL B 133 -23.95 -9.16 14.34
CA VAL B 133 -24.14 -7.92 15.10
C VAL B 133 -23.64 -8.13 16.53
N SER B 134 -23.43 -7.02 17.24
CA SER B 134 -23.04 -7.08 18.64
C SER B 134 -24.29 -6.98 19.52
N GLU B 135 -24.12 -7.29 20.80
CA GLU B 135 -25.20 -7.21 21.78
C GLU B 135 -25.73 -5.77 21.90
N SER B 136 -24.92 -4.78 21.48
CA SER B 136 -25.31 -3.37 21.57
C SER B 136 -26.24 -2.95 20.45
N ALA B 137 -26.53 -3.84 19.50
CA ALA B 137 -27.29 -3.40 18.33
C ALA B 137 -28.71 -3.05 18.74
N PRO B 138 -29.27 -1.91 18.28
CA PRO B 138 -30.63 -1.52 18.65
C PRO B 138 -31.56 -2.71 18.36
N PRO B 139 -32.45 -3.08 19.30
CA PRO B 139 -33.30 -4.26 19.12
C PRO B 139 -34.26 -4.11 17.93
N GLU B 140 -34.59 -2.85 17.62
CA GLU B 140 -35.55 -2.52 16.57
C GLU B 140 -34.93 -2.76 15.19
N ARG B 141 -33.64 -2.42 15.04
CA ARG B 141 -32.95 -2.62 13.78
C ARG B 141 -32.68 -4.11 13.55
N VAL B 142 -32.34 -4.83 14.64
CA VAL B 142 -32.06 -6.25 14.58
C VAL B 142 -33.30 -7.00 14.09
N ALA B 143 -34.47 -6.64 14.63
CA ALA B 143 -35.73 -7.28 14.29
C ALA B 143 -36.05 -7.09 12.80
N GLU B 144 -35.81 -5.88 12.26
CA GLU B 144 -36.03 -5.62 10.85
C GLU B 144 -35.11 -6.49 9.99
N LEU B 145 -33.87 -6.66 10.43
CA LEU B 145 -32.92 -7.44 9.66
C LEU B 145 -33.32 -8.91 9.64
N ARG B 146 -33.90 -9.40 10.75
CA ARG B 146 -34.27 -10.80 10.88
C ARG B 146 -35.34 -11.19 9.86
N LYS B 147 -36.00 -10.19 9.26
CA LYS B 147 -37.03 -10.45 8.26
C LYS B 147 -36.41 -10.78 6.91
N ARG B 148 -35.17 -10.36 6.68
CA ARG B 148 -34.51 -10.60 5.38
C ARG B 148 -33.23 -11.43 5.56
N ALA B 149 -32.85 -11.73 6.80
CA ALA B 149 -31.60 -12.44 7.02
C ALA B 149 -31.66 -13.26 8.31
N GLU B 150 -30.67 -14.13 8.46
CA GLU B 150 -30.37 -14.76 9.73
C GLU B 150 -29.41 -13.85 10.49
N VAL B 151 -29.82 -13.39 11.69
CA VAL B 151 -28.93 -12.55 12.47
C VAL B 151 -28.22 -13.41 13.50
N VAL B 152 -26.90 -13.25 13.58
CA VAL B 152 -26.07 -13.85 14.62
C VAL B 152 -25.55 -12.72 15.51
N VAL B 153 -25.81 -12.83 16.82
CA VAL B 153 -25.26 -11.91 17.81
C VAL B 153 -23.98 -12.53 18.37
N ALA B 154 -22.93 -11.72 18.49
CA ALA B 154 -21.62 -12.18 18.93
C ALA B 154 -20.72 -11.00 19.29
N GLY B 155 -20.37 -10.92 20.59
CA GLY B 155 -19.60 -9.80 21.11
C GLY B 155 -20.49 -8.74 21.74
N THR B 156 -19.89 -7.98 22.67
CA THR B 156 -20.59 -6.98 23.45
C THR B 156 -20.94 -5.77 22.60
N ARG B 157 -19.93 -5.13 21.99
CA ARG B 157 -20.04 -3.82 21.38
C ARG B 157 -19.38 -3.81 20.01
N ARG B 158 -18.44 -4.73 19.83
CA ARG B 158 -17.76 -5.00 18.54
C ARG B 158 -18.04 -6.46 18.21
N VAL B 159 -18.16 -6.78 16.93
CA VAL B 159 -18.44 -8.17 16.62
C VAL B 159 -17.25 -9.03 17.03
N ASP B 160 -17.53 -10.08 17.80
CA ASP B 160 -16.55 -11.10 18.13
C ASP B 160 -16.39 -12.00 16.92
N LEU B 161 -15.29 -11.83 16.19
CA LEU B 161 -15.06 -12.53 14.92
C LEU B 161 -14.82 -14.02 15.17
N HIS B 162 -14.20 -14.35 16.31
CA HIS B 162 -13.96 -15.73 16.66
C HIS B 162 -15.29 -16.46 16.79
N LEU B 163 -16.20 -15.86 17.56
CA LEU B 163 -17.49 -16.47 17.84
C LEU B 163 -18.29 -16.56 16.52
N LEU B 164 -18.36 -15.43 15.80
CA LEU B 164 -19.09 -15.39 14.55
C LEU B 164 -18.64 -16.53 13.65
N LEU B 165 -17.32 -16.70 13.50
CA LEU B 165 -16.73 -17.75 12.63
C LEU B 165 -17.11 -19.14 13.14
N GLU B 166 -17.13 -19.32 14.46
CA GLU B 166 -17.58 -20.56 15.06
C GLU B 166 -19.03 -20.83 14.62
N ARG B 167 -19.86 -19.80 14.65
CA ARG B 167 -21.27 -19.93 14.31
C ARG B 167 -21.43 -20.26 12.82
N LEU B 168 -20.57 -19.69 11.96
CA LEU B 168 -20.65 -19.95 10.53
C LEU B 168 -20.22 -21.38 10.22
N HIS B 169 -19.19 -21.86 10.94
CA HIS B 169 -18.68 -23.22 10.76
C HIS B 169 -19.77 -24.23 11.10
N GLY B 170 -20.57 -23.89 12.12
CA GLY B 170 -21.67 -24.71 12.59
C GLY B 170 -22.86 -24.69 11.63
N MET B 171 -22.86 -23.76 10.68
CA MET B 171 -23.87 -23.76 9.62
C MET B 171 -23.37 -24.60 8.46
N GLY B 172 -22.18 -25.19 8.60
CA GLY B 172 -21.60 -26.03 7.56
C GLY B 172 -20.70 -25.24 6.60
N ILE B 173 -20.30 -24.03 7.00
CA ILE B 173 -19.39 -23.27 6.14
C ILE B 173 -17.96 -23.68 6.47
N GLU B 174 -17.26 -24.23 5.45
CA GLU B 174 -15.91 -24.74 5.65
C GLU B 174 -14.91 -23.87 4.90
N ARG B 175 -15.41 -23.10 3.92
CA ARG B 175 -14.58 -22.29 3.05
C ARG B 175 -15.18 -20.90 2.89
N LEU B 176 -14.50 -19.90 3.47
CA LEU B 176 -15.00 -18.54 3.46
C LEU B 176 -14.02 -17.60 2.73
N MET B 177 -14.61 -16.74 1.89
CA MET B 177 -13.87 -15.72 1.14
C MET B 177 -14.09 -14.36 1.81
N LEU B 178 -13.00 -13.80 2.36
CA LEU B 178 -13.02 -12.48 2.98
C LEU B 178 -12.70 -11.41 1.95
N GLU B 179 -13.65 -10.46 1.77
CA GLU B 179 -13.52 -9.48 0.71
C GLU B 179 -13.42 -8.04 1.26
N GLY B 180 -12.87 -7.86 2.47
CA GLY B 180 -12.56 -6.52 2.95
C GLY B 180 -13.69 -5.91 3.79
N GLY B 181 -13.59 -4.61 4.11
CA GLY B 181 -12.55 -3.69 3.69
C GLY B 181 -11.35 -3.70 4.63
N SER B 182 -10.58 -2.61 4.63
CA SER B 182 -9.27 -2.55 5.34
C SER B 182 -9.37 -2.69 6.85
N THR B 183 -10.48 -2.29 7.47
CA THR B 183 -10.60 -2.38 8.91
C THR B 183 -10.87 -3.83 9.31
N LEU B 184 -11.80 -4.49 8.61
CA LEU B 184 -12.11 -5.88 8.88
C LEU B 184 -10.89 -6.75 8.56
N ASN B 185 -10.21 -6.45 7.44
CA ASN B 185 -9.00 -7.16 7.06
C ASN B 185 -8.02 -7.21 8.24
N TYR B 186 -7.82 -6.07 8.91
CA TYR B 186 -6.85 -5.97 9.99
C TYR B 186 -7.24 -6.86 11.17
N SER B 187 -8.53 -6.81 11.53
CA SER B 187 -9.11 -7.55 12.64
C SER B 187 -8.97 -9.06 12.41
N MET B 188 -9.27 -9.47 11.19
CA MET B 188 -9.26 -10.87 10.80
C MET B 188 -7.82 -11.40 10.80
N LEU B 189 -6.88 -10.59 10.29
CA LEU B 189 -5.49 -11.02 10.19
C LEU B 189 -4.86 -11.13 11.57
N THR B 190 -5.01 -10.09 12.40
CA THR B 190 -4.39 -10.05 13.71
C THR B 190 -5.05 -11.07 14.65
N GLY B 191 -6.29 -11.46 14.35
CA GLY B 191 -6.99 -12.45 15.16
C GLY B 191 -6.59 -13.89 14.83
N GLY B 192 -5.74 -14.04 13.81
CA GLY B 192 -5.29 -15.34 13.32
C GLY B 192 -6.39 -16.11 12.60
N LEU B 193 -7.22 -15.39 11.83
CA LEU B 193 -8.40 -15.97 11.21
C LEU B 193 -8.28 -15.98 9.69
N VAL B 194 -7.06 -15.92 9.15
CA VAL B 194 -6.89 -15.88 7.70
C VAL B 194 -5.83 -16.91 7.29
N ASP B 195 -6.16 -17.72 6.28
CA ASP B 195 -5.28 -18.80 5.87
C ASP B 195 -4.47 -18.42 4.62
N GLU B 196 -5.09 -17.64 3.73
CA GLU B 196 -4.50 -17.27 2.45
C GLU B 196 -4.78 -15.80 2.16
N VAL B 197 -3.86 -15.18 1.40
CA VAL B 197 -4.05 -13.81 0.92
C VAL B 197 -3.81 -13.81 -0.58
N ARG B 198 -4.83 -13.40 -1.35
CA ARG B 198 -4.70 -13.23 -2.79
C ARG B 198 -5.01 -11.79 -3.13
N VAL B 199 -4.11 -11.15 -3.88
CA VAL B 199 -4.23 -9.73 -4.20
C VAL B 199 -4.03 -9.53 -5.69
N CYS B 200 -4.96 -8.80 -6.29
CA CYS B 200 -4.81 -8.25 -7.63
C CYS B 200 -4.11 -6.90 -7.54
N ILE B 201 -2.89 -6.80 -8.08
CA ILE B 201 -2.17 -5.54 -8.06
C ILE B 201 -2.33 -4.87 -9.42
N ALA B 202 -3.08 -3.76 -9.44
CA ALA B 202 -3.33 -3.04 -10.68
C ALA B 202 -2.17 -2.11 -10.99
N PRO B 203 -1.81 -1.90 -12.29
CA PRO B 203 -0.68 -1.06 -12.66
C PRO B 203 -1.06 0.42 -12.65
N MET B 204 -1.22 0.99 -11.45
CA MET B 204 -1.68 2.36 -11.29
C MET B 204 -1.30 2.86 -9.90
N ILE B 205 -1.17 4.19 -9.76
CA ILE B 205 -0.86 4.83 -8.49
C ILE B 205 -1.83 5.99 -8.29
N VAL B 206 -2.40 6.09 -7.07
CA VAL B 206 -3.30 7.20 -6.75
C VAL B 206 -2.74 8.02 -5.58
N GLY B 207 -1.93 7.40 -4.71
CA GLY B 207 -1.45 8.07 -3.51
C GLY B 207 -2.58 8.34 -2.51
N GLY B 208 -2.34 9.27 -1.58
CA GLY B 208 -3.35 9.73 -0.65
C GLY B 208 -3.16 9.20 0.77
N ARG B 209 -2.82 10.10 1.68
CA ARG B 209 -2.54 9.74 3.06
C ARG B 209 -3.82 9.21 3.73
N ASP B 210 -4.98 9.51 3.13
CA ASP B 210 -6.25 9.13 3.70
C ASP B 210 -6.96 8.09 2.84
N ALA B 211 -6.29 7.60 1.79
CA ALA B 211 -6.86 6.51 1.02
C ALA B 211 -6.85 5.24 1.86
N ARG B 212 -7.85 4.38 1.64
CA ARG B 212 -7.91 3.08 2.30
C ARG B 212 -6.82 2.18 1.69
N THR B 213 -6.09 1.48 2.55
CA THR B 213 -5.09 0.54 2.07
C THR B 213 -5.63 -0.89 2.18
N LEU B 214 -4.81 -1.86 1.77
CA LEU B 214 -5.17 -3.27 1.83
C LEU B 214 -5.56 -3.63 3.26
N VAL B 215 -4.81 -3.08 4.22
CA VAL B 215 -4.99 -3.40 5.63
C VAL B 215 -4.76 -2.13 6.43
N ASP B 216 -5.82 -1.66 7.11
CA ASP B 216 -5.70 -0.47 7.94
C ASP B 216 -5.73 -0.87 9.42
N GLY B 217 -6.67 -0.30 10.17
CA GLY B 217 -6.78 -0.56 11.60
C GLY B 217 -5.63 0.07 12.37
N GLU B 218 -5.50 -0.32 13.64
CA GLU B 218 -4.49 0.23 14.58
C GLU B 218 -3.08 0.10 14.00
N GLY B 219 -2.77 -1.09 13.48
CA GLY B 219 -1.48 -1.39 12.90
C GLY B 219 -0.50 -2.00 13.90
N ILE B 220 0.39 -2.86 13.38
CA ILE B 220 1.49 -3.45 14.13
C ILE B 220 2.66 -2.46 14.17
N ASP B 221 3.20 -2.23 15.37
CA ASP B 221 4.13 -1.13 15.62
C ASP B 221 5.52 -1.40 15.01
N GLU B 222 5.95 -2.66 15.02
CA GLU B 222 7.31 -2.99 14.61
C GLU B 222 7.29 -3.96 13.44
N MET B 223 8.05 -3.64 12.40
CA MET B 223 8.18 -4.50 11.22
C MET B 223 8.55 -5.93 11.65
N ALA B 224 9.22 -6.05 12.80
CA ALA B 224 9.68 -7.34 13.31
C ALA B 224 8.49 -8.22 13.68
N ASP B 225 7.38 -7.59 14.09
CA ASP B 225 6.22 -8.32 14.56
C ASP B 225 5.16 -8.43 13.46
N ALA B 226 5.56 -8.21 12.21
CA ALA B 226 4.64 -8.30 11.08
C ALA B 226 4.05 -9.69 10.98
N ILE B 227 2.83 -9.78 10.46
CA ILE B 227 2.28 -11.05 10.04
C ILE B 227 3.12 -11.52 8.85
N ARG B 228 3.57 -12.79 8.89
CA ARG B 228 4.47 -13.32 7.88
C ARG B 228 3.69 -14.18 6.89
N LEU B 229 4.08 -14.11 5.61
CA LEU B 229 3.41 -14.81 4.53
C LEU B 229 4.42 -15.60 3.70
N GLU B 230 3.92 -16.46 2.81
CA GLU B 230 4.75 -17.20 1.88
C GLU B 230 4.14 -17.16 0.48
N LEU B 231 4.89 -16.63 -0.49
CA LEU B 231 4.38 -16.52 -1.86
C LEU B 231 4.25 -17.91 -2.47
N LYS B 232 3.04 -18.20 -2.96
CA LYS B 232 2.69 -19.50 -3.54
C LYS B 232 2.58 -19.41 -5.06
N ARG B 233 2.11 -18.26 -5.55
CA ARG B 233 1.89 -18.11 -6.98
C ARG B 233 1.86 -16.63 -7.34
N SER B 234 2.45 -16.27 -8.48
CA SER B 234 2.23 -14.97 -9.09
C SER B 234 2.15 -15.13 -10.61
N TYR B 235 1.25 -14.35 -11.24
CA TYR B 235 1.01 -14.45 -12.66
C TYR B 235 0.21 -13.23 -13.11
N THR B 236 0.35 -12.89 -14.39
CA THR B 236 -0.37 -11.76 -14.95
C THR B 236 -1.76 -12.23 -15.38
N LEU B 237 -2.72 -11.31 -15.32
CA LEU B 237 -4.09 -11.58 -15.71
C LEU B 237 -4.62 -10.27 -16.28
N GLY B 238 -4.79 -10.22 -17.61
CA GLY B 238 -5.00 -8.97 -18.29
C GLY B 238 -3.84 -8.02 -18.01
N GLU B 239 -4.16 -6.80 -17.55
CA GLU B 239 -3.14 -5.82 -17.21
C GLU B 239 -2.67 -6.00 -15.76
N ASP B 240 -3.30 -6.92 -15.02
CA ASP B 240 -3.09 -7.01 -13.58
C ASP B 240 -2.01 -8.04 -13.26
N LEU B 241 -1.44 -7.92 -12.04
CA LEU B 241 -0.54 -8.92 -11.50
C LEU B 241 -1.20 -9.55 -10.28
N ILE B 242 -1.40 -10.87 -10.33
CA ILE B 242 -2.03 -11.59 -9.24
C ILE B 242 -0.92 -12.17 -8.36
N VAL B 243 -1.02 -11.99 -7.03
CA VAL B 243 -0.10 -12.63 -6.11
C VAL B 243 -0.89 -13.44 -5.08
N GLU B 244 -0.42 -14.64 -4.78
CA GLU B 244 -1.13 -15.53 -3.87
C GLU B 244 -0.16 -16.03 -2.81
N TYR B 245 -0.57 -15.90 -1.54
CA TYR B 245 0.25 -16.22 -0.39
C TYR B 245 -0.53 -17.08 0.59
N THR B 246 0.18 -17.94 1.33
CA THR B 246 -0.38 -18.49 2.55
C THR B 246 0.10 -17.64 3.71
N VAL B 247 -0.65 -17.64 4.81
CA VAL B 247 -0.22 -16.96 6.02
C VAL B 247 0.60 -17.95 6.85
N LYS B 248 1.85 -17.59 7.15
CA LYS B 248 2.70 -18.46 7.97
C LYS B 248 2.13 -18.56 9.38
N GLY B 249 2.02 -19.79 9.87
CA GLY B 249 1.38 -20.09 11.14
C GLY B 249 2.19 -19.63 12.35
#